data_8C7Z
#
_entry.id   8C7Z
#
_cell.length_a   67.280
_cell.length_b   67.280
_cell.length_c   140.764
_cell.angle_alpha   90.000
_cell.angle_beta   90.000
_cell.angle_gamma   120.000
#
_symmetry.space_group_name_H-M   'P 32 2 1'
#
loop_
_entity.id
_entity.type
_entity.pdbx_description
1 polymer 'Activin receptor type I'
2 non-polymer 'AMMONIUM ION'
3 non-polymer 9-piperazin-1-yl-4-(3,4,5-trimethoxyphenyl)-5,6-dihydro-[1]benzoxepino[5,4-c]pyridine
4 non-polymer 'SULFATE ION'
5 non-polymer 1,2-ETHANEDIOL
6 water water
#
_entity_poly.entity_id   1
_entity_poly.type   'polypeptide(L)'
_entity_poly.pdbx_seq_one_letter_code
;SMQRTVARDITLLECVGKGRYGEVWRGSWQGENVAVKIFSSRDEKSWFRETELYNTVMLRHENILGFIASDMTSRHSSTQ
LWLITHYHEMGSLYDYLQLTTLDTVSCLRIVLSIASGLAHLHIEIFGTQGKPAIAHRDLKSKNILVKKNGQCCIADLGLA
VMHSQSTNQLDVGNNPRVGTKRYMAPEVLDETIQVDCFDSYKRVDIWAFGLVLWEVARRMVSNGIVEDYKPPFYDVVPND
PSFEDMRKVVCVDQQRPNIPNRWFSDPTLTSLAKLMKECWYQNPSARLTALRIKKTLTKID
;
_entity_poly.pdbx_strand_id   A
#
loop_
_chem_comp.id
_chem_comp.type
_chem_comp.name
_chem_comp.formula
EDO non-polymer 1,2-ETHANEDIOL 'C2 H6 O2'
NH4 non-polymer 'AMMONIUM ION' 'H4 N 1'
SO4 non-polymer 'SULFATE ION' 'O4 S -2'
TZX non-polymer 9-piperazin-1-yl-4-(3,4,5-trimethoxyphenyl)-5,6-dihydro-[1]benzoxepino[5,4-c]pyridine 'C26 H29 N3 O4'
#
# COMPACT_ATOMS: atom_id res chain seq x y z
N VAL A 6 -5.38 -9.58 -23.83
CA VAL A 6 -4.38 -9.45 -24.90
C VAL A 6 -4.10 -7.98 -25.16
N ALA A 7 -2.82 -7.63 -25.28
CA ALA A 7 -2.40 -6.25 -25.48
C ALA A 7 -2.85 -5.69 -26.84
N ARG A 8 -3.18 -6.56 -27.80
CA ARG A 8 -3.55 -6.07 -29.13
C ARG A 8 -4.94 -5.45 -29.14
N ASP A 9 -5.81 -5.88 -28.25
CA ASP A 9 -7.19 -5.40 -28.21
C ASP A 9 -7.36 -4.14 -27.36
N ILE A 10 -6.31 -3.66 -26.72
CA ILE A 10 -6.39 -2.53 -25.80
C ILE A 10 -6.02 -1.26 -26.54
N THR A 11 -6.86 -0.22 -26.40
CA THR A 11 -6.61 1.08 -27.01
C THR A 11 -6.14 2.04 -25.92
N LEU A 12 -4.85 2.36 -25.92
CA LEU A 12 -4.30 3.31 -24.96
C LEU A 12 -4.87 4.69 -25.21
N LEU A 13 -5.61 5.23 -24.24
CA LEU A 13 -6.32 6.49 -24.41
C LEU A 13 -5.60 7.67 -23.75
N GLU A 14 -5.17 7.53 -22.50
CA GLU A 14 -4.49 8.62 -21.82
C GLU A 14 -3.58 8.04 -20.73
N CYS A 15 -2.45 8.71 -20.53
CA CYS A 15 -1.49 8.32 -19.50
C CYS A 15 -1.84 9.02 -18.19
N VAL A 16 -2.11 8.23 -17.16
CA VAL A 16 -2.54 8.78 -15.87
C VAL A 16 -1.43 8.76 -14.84
N GLY A 17 -0.27 8.20 -15.16
CA GLY A 17 0.85 8.15 -14.24
C GLY A 17 2.15 7.78 -14.90
N LYS A 18 3.25 8.34 -14.42
CA LYS A 18 4.57 8.05 -14.97
C LYS A 18 5.61 8.13 -13.86
N GLY A 19 6.59 7.25 -13.93
CA GLY A 19 7.65 7.24 -12.95
C GLY A 19 8.76 6.30 -13.36
N ARG A 20 9.63 5.98 -12.39
CA ARG A 20 10.69 5.02 -12.64
C ARG A 20 10.13 3.63 -12.93
N TYR A 21 8.98 3.31 -12.36
CA TYR A 21 8.33 2.03 -12.64
C TYR A 21 7.93 1.91 -14.11
N GLY A 22 7.59 3.03 -14.73
CA GLY A 22 7.08 3.02 -16.09
C GLY A 22 5.91 3.96 -16.27
N GLU A 23 4.84 3.48 -16.88
CA GLU A 23 3.66 4.30 -17.14
C GLU A 23 2.40 3.52 -16.83
N VAL A 24 1.37 4.24 -16.41
CA VAL A 24 0.03 3.69 -16.23
C VAL A 24 -0.90 4.42 -17.18
N TRP A 25 -1.67 3.66 -17.95
CA TRP A 25 -2.55 4.20 -18.99
C TRP A 25 -3.99 3.78 -18.74
N ARG A 26 -4.91 4.68 -19.05
CA ARG A 26 -6.33 4.35 -19.09
C ARG A 26 -6.65 3.85 -20.50
N GLY A 27 -7.03 2.58 -20.62
CA GLY A 27 -7.27 2.01 -21.92
C GLY A 27 -8.67 1.47 -22.11
N SER A 28 -9.07 1.28 -23.35
CA SER A 28 -10.34 0.65 -23.69
C SER A 28 -10.11 -0.81 -24.07
N TRP A 29 -11.00 -1.68 -23.62
CA TRP A 29 -10.87 -3.11 -23.87
C TRP A 29 -12.27 -3.71 -23.80
N GLN A 30 -12.80 -4.08 -24.97
CA GLN A 30 -14.19 -4.54 -25.13
C GLN A 30 -15.17 -3.50 -24.58
N GLY A 31 -14.98 -2.25 -24.99
CA GLY A 31 -15.88 -1.19 -24.62
C GLY A 31 -15.90 -0.84 -23.16
N GLU A 32 -14.83 -1.14 -22.42
CA GLU A 32 -14.76 -0.85 -21.01
C GLU A 32 -13.38 -0.28 -20.66
N ASN A 33 -13.36 0.63 -19.71
CA ASN A 33 -12.11 1.24 -19.28
C ASN A 33 -11.28 0.25 -18.47
N VAL A 34 -9.99 0.18 -18.78
CA VAL A 34 -9.04 -0.66 -18.04
C VAL A 34 -7.80 0.17 -17.73
N ALA A 35 -7.03 -0.31 -16.77
CA ALA A 35 -5.75 0.28 -16.40
C ALA A 35 -4.62 -0.61 -16.91
N VAL A 36 -3.69 -0.02 -17.65
CA VAL A 36 -2.57 -0.75 -18.24
C VAL A 36 -1.28 -0.15 -17.72
N LYS A 37 -0.47 -0.98 -17.06
CA LYS A 37 0.84 -0.57 -16.58
C LYS A 37 1.90 -1.17 -17.50
N ILE A 38 2.60 -0.31 -18.23
CA ILE A 38 3.73 -0.71 -19.06
C ILE A 38 4.99 -0.49 -18.24
N PHE A 39 5.63 -1.58 -17.83
CA PHE A 39 6.78 -1.50 -16.95
C PHE A 39 7.99 -0.94 -17.69
N SER A 40 8.86 -0.25 -16.94
CA SER A 40 10.13 0.20 -17.47
C SER A 40 11.11 -0.97 -17.51
N SER A 41 12.14 -0.83 -18.35
CA SER A 41 13.15 -1.88 -18.47
C SER A 41 13.92 -2.09 -17.17
N ARG A 42 13.99 -1.07 -16.32
CA ARG A 42 14.69 -1.18 -15.05
C ARG A 42 13.86 -1.85 -13.97
N ASP A 43 12.57 -2.12 -14.23
CA ASP A 43 11.65 -2.66 -13.23
C ASP A 43 11.02 -3.95 -13.73
N GLU A 44 11.78 -4.75 -14.48
CA GLU A 44 11.23 -5.98 -15.05
C GLU A 44 10.90 -7.00 -13.97
N LYS A 45 11.72 -7.07 -12.91
CA LYS A 45 11.50 -8.04 -11.85
C LYS A 45 10.17 -7.80 -11.14
N SER A 46 9.71 -6.54 -11.09
CA SER A 46 8.42 -6.26 -10.47
C SER A 46 7.27 -6.81 -11.30
N TRP A 47 7.42 -6.84 -12.63
CA TRP A 47 6.38 -7.42 -13.47
C TRP A 47 6.31 -8.93 -13.29
N PHE A 48 7.46 -9.58 -13.14
CA PHE A 48 7.46 -11.03 -12.90
C PHE A 48 6.84 -11.37 -11.56
N ARG A 49 7.17 -10.61 -10.52
CA ARG A 49 6.59 -10.88 -9.20
C ARG A 49 5.09 -10.65 -9.17
N GLU A 50 4.63 -9.55 -9.80
CA GLU A 50 3.20 -9.28 -9.83
C GLU A 50 2.46 -10.32 -10.65
N THR A 51 3.03 -10.73 -11.78
CA THR A 51 2.42 -11.78 -12.58
C THR A 51 2.35 -13.09 -11.80
N GLU A 52 3.38 -13.38 -11.01
CA GLU A 52 3.35 -14.57 -10.16
C GLU A 52 2.26 -14.48 -9.10
N LEU A 53 2.16 -13.33 -8.44
CA LEU A 53 1.17 -13.18 -7.38
C LEU A 53 -0.26 -13.22 -7.93
N TYR A 54 -0.47 -12.68 -9.12
CA TYR A 54 -1.81 -12.59 -9.69
C TYR A 54 -2.21 -13.85 -10.46
N ASN A 55 -1.27 -14.45 -11.20
CA ASN A 55 -1.60 -15.60 -12.03
C ASN A 55 -1.34 -16.93 -11.32
N THR A 56 -0.18 -17.07 -10.67
CA THR A 56 0.16 -18.32 -10.00
C THR A 56 -0.52 -18.41 -8.63
N VAL A 57 -0.29 -17.41 -7.77
CA VAL A 57 -0.90 -17.41 -6.46
C VAL A 57 -2.39 -17.11 -6.56
N MET A 58 -2.83 -16.46 -7.63
CA MET A 58 -4.24 -16.13 -7.86
C MET A 58 -4.77 -15.21 -6.75
N LEU A 59 -4.02 -14.15 -6.48
CA LEU A 59 -4.42 -13.16 -5.48
C LEU A 59 -5.68 -12.44 -5.96
N ARG A 60 -6.75 -12.51 -5.16
CA ARG A 60 -8.02 -11.91 -5.54
C ARG A 60 -8.76 -11.51 -4.27
N HIS A 61 -9.14 -10.24 -4.18
CA HIS A 61 -9.81 -9.71 -3.01
C HIS A 61 -10.40 -8.34 -3.39
N GLU A 62 -11.56 -8.03 -2.80
CA GLU A 62 -12.23 -6.78 -3.13
C GLU A 62 -11.42 -5.56 -2.73
N ASN A 63 -10.49 -5.71 -1.78
CA ASN A 63 -9.63 -4.62 -1.35
C ASN A 63 -8.21 -4.75 -1.91
N ILE A 64 -8.07 -5.44 -3.03
CA ILE A 64 -6.81 -5.52 -3.76
C ILE A 64 -7.13 -5.27 -5.23
N LEU A 65 -6.28 -4.48 -5.90
CA LEU A 65 -6.52 -4.08 -7.27
C LEU A 65 -6.85 -5.28 -8.15
N GLY A 66 -7.98 -5.20 -8.84
CA GLY A 66 -8.49 -6.33 -9.61
C GLY A 66 -7.68 -6.69 -10.83
N PHE A 67 -7.06 -7.87 -10.80
CA PHE A 67 -6.24 -8.32 -11.91
C PHE A 67 -7.11 -8.71 -13.10
N ILE A 68 -6.62 -8.41 -14.30
CA ILE A 68 -7.33 -8.81 -15.52
C ILE A 68 -6.45 -9.76 -16.32
N ALA A 69 -5.29 -9.29 -16.77
CA ALA A 69 -4.41 -10.13 -17.58
C ALA A 69 -3.00 -9.56 -17.56
N SER A 70 -2.04 -10.46 -17.73
CA SER A 70 -0.65 -10.13 -17.97
C SER A 70 -0.31 -10.42 -19.43
N ASP A 71 0.59 -9.64 -20.01
CA ASP A 71 0.90 -9.83 -21.42
C ASP A 71 2.30 -9.29 -21.72
N MET A 72 2.84 -9.74 -22.86
CA MET A 72 4.11 -9.28 -23.38
C MET A 72 3.92 -8.91 -24.84
N THR A 73 4.35 -7.72 -25.23
CA THR A 73 4.24 -7.27 -26.61
C THR A 73 5.60 -6.79 -27.09
N SER A 74 5.99 -7.23 -28.28
CA SER A 74 7.27 -6.87 -28.87
C SER A 74 7.03 -5.84 -29.97
N ARG A 75 7.68 -4.69 -29.85
CA ARG A 75 7.57 -3.63 -30.85
C ARG A 75 8.81 -2.76 -30.76
N HIS A 76 9.24 -2.25 -31.92
CA HIS A 76 10.41 -1.38 -32.01
C HIS A 76 11.66 -2.08 -31.48
N SER A 77 11.80 -3.36 -31.84
CA SER A 77 12.96 -4.18 -31.46
C SER A 77 13.14 -4.26 -29.94
N SER A 78 12.04 -4.12 -29.21
CA SER A 78 12.03 -4.30 -27.77
C SER A 78 10.72 -4.97 -27.38
N THR A 79 10.69 -5.49 -26.15
CA THR A 79 9.51 -6.20 -25.64
C THR A 79 9.05 -5.54 -24.35
N GLN A 80 7.85 -4.99 -24.37
CA GLN A 80 7.27 -4.35 -23.18
C GLN A 80 6.51 -5.38 -22.35
N LEU A 81 6.58 -5.21 -21.03
CA LEU A 81 5.88 -6.07 -20.09
C LEU A 81 4.66 -5.31 -19.57
N TRP A 82 3.47 -5.88 -19.79
CA TRP A 82 2.22 -5.22 -19.48
C TRP A 82 1.52 -5.88 -18.31
N LEU A 83 0.87 -5.07 -17.48
CA LEU A 83 -0.04 -5.53 -16.45
C LEU A 83 -1.35 -4.77 -16.62
N ILE A 84 -2.45 -5.51 -16.81
CA ILE A 84 -3.76 -4.91 -17.06
C ILE A 84 -4.65 -5.24 -15.87
N THR A 85 -5.19 -4.20 -15.23
CA THR A 85 -6.04 -4.34 -14.07
C THR A 85 -7.31 -3.53 -14.27
N HIS A 86 -8.18 -3.58 -13.27
N HIS A 86 -8.20 -3.58 -13.28
CA HIS A 86 -9.40 -2.77 -13.28
CA HIS A 86 -9.40 -2.77 -13.32
C HIS A 86 -9.04 -1.29 -13.12
C HIS A 86 -9.05 -1.30 -13.12
N TYR A 87 -9.80 -0.43 -13.79
CA TYR A 87 -9.56 1.01 -13.75
C TYR A 87 -10.49 1.68 -12.75
N HIS A 88 -9.91 2.46 -11.84
CA HIS A 88 -10.65 3.23 -10.86
C HIS A 88 -10.49 4.71 -11.19
N GLU A 89 -11.55 5.33 -11.71
CA GLU A 89 -11.46 6.70 -12.20
C GLU A 89 -11.18 7.70 -11.09
N MET A 90 -11.41 7.34 -9.84
CA MET A 90 -11.13 8.24 -8.72
C MET A 90 -9.65 8.33 -8.38
N GLY A 91 -8.80 7.56 -9.06
CA GLY A 91 -7.36 7.65 -8.85
C GLY A 91 -6.90 7.02 -7.55
N SER A 92 -5.68 7.38 -7.17
CA SER A 92 -5.10 6.86 -5.95
C SER A 92 -5.67 7.59 -4.72
N LEU A 93 -5.48 6.98 -3.56
CA LEU A 93 -5.88 7.62 -2.31
C LEU A 93 -5.11 8.91 -2.09
N TYR A 94 -3.86 8.98 -2.56
CA TYR A 94 -3.09 10.22 -2.49
C TYR A 94 -3.77 11.33 -3.29
N ASP A 95 -4.40 10.98 -4.41
CA ASP A 95 -5.13 11.96 -5.21
C ASP A 95 -6.47 12.29 -4.59
N TYR A 96 -7.17 11.28 -4.05
CA TYR A 96 -8.53 11.46 -3.58
C TYR A 96 -8.57 12.34 -2.33
N LEU A 97 -7.59 12.19 -1.44
CA LEU A 97 -7.61 12.93 -0.18
C LEU A 97 -7.41 14.43 -0.38
N GLN A 98 -6.89 14.85 -1.53
CA GLN A 98 -6.65 16.26 -1.80
C GLN A 98 -7.85 16.96 -2.43
N LEU A 99 -8.88 16.22 -2.83
CA LEU A 99 -10.04 16.80 -3.48
C LEU A 99 -11.29 16.85 -2.62
N THR A 100 -11.34 16.10 -1.52
CA THR A 100 -12.54 16.04 -0.70
C THR A 100 -12.17 15.86 0.76
N THR A 101 -13.10 16.22 1.62
CA THR A 101 -13.03 15.90 3.05
C THR A 101 -13.90 14.67 3.32
N LEU A 102 -13.63 14.02 4.43
CA LEU A 102 -14.32 12.79 4.80
C LEU A 102 -15.16 13.01 6.06
N ASP A 103 -16.26 12.26 6.15
CA ASP A 103 -17.04 12.18 7.37
C ASP A 103 -16.60 10.94 8.14
N THR A 104 -17.38 10.57 9.17
CA THR A 104 -17.01 9.43 9.99
C THR A 104 -17.12 8.12 9.21
N VAL A 105 -18.22 7.95 8.47
CA VAL A 105 -18.40 6.72 7.71
C VAL A 105 -17.41 6.63 6.56
N SER A 106 -17.21 7.75 5.85
CA SER A 106 -16.26 7.76 4.73
C SER A 106 -14.85 7.43 5.21
N CYS A 107 -14.43 7.99 6.35
CA CYS A 107 -13.12 7.69 6.89
C CYS A 107 -12.99 6.22 7.27
N LEU A 108 -13.98 5.71 8.01
CA LEU A 108 -13.90 4.32 8.47
C LEU A 108 -14.00 3.33 7.31
N ARG A 109 -14.78 3.65 6.27
CA ARG A 109 -14.85 2.76 5.12
C ARG A 109 -13.51 2.67 4.41
N ILE A 110 -12.78 3.78 4.35
CA ILE A 110 -11.46 3.77 3.71
C ILE A 110 -10.47 2.96 4.54
N VAL A 111 -10.39 3.26 5.85
CA VAL A 111 -9.35 2.65 6.67
C VAL A 111 -9.64 1.18 6.96
N LEU A 112 -10.91 0.80 7.05
CA LEU A 112 -11.23 -0.61 7.28
C LEU A 112 -11.00 -1.43 6.02
N SER A 113 -11.28 -0.86 4.85
CA SER A 113 -11.05 -1.59 3.60
C SER A 113 -9.57 -1.83 3.37
N ILE A 114 -8.73 -0.83 3.66
CA ILE A 114 -7.28 -1.01 3.54
C ILE A 114 -6.80 -2.08 4.52
N ALA A 115 -7.34 -2.07 5.74
CA ALA A 115 -6.93 -3.04 6.75
C ALA A 115 -7.35 -4.45 6.37
N SER A 116 -8.56 -4.61 5.84
CA SER A 116 -9.02 -5.94 5.45
C SER A 116 -8.26 -6.47 4.24
N GLY A 117 -7.86 -5.58 3.32
CA GLY A 117 -7.03 -6.01 2.21
C GLY A 117 -5.62 -6.38 2.64
N LEU A 118 -5.08 -5.64 3.61
CA LEU A 118 -3.76 -5.98 4.13
C LEU A 118 -3.81 -7.28 4.94
N ALA A 119 -4.87 -7.47 5.72
CA ALA A 119 -5.00 -8.70 6.50
C ALA A 119 -5.11 -9.92 5.58
N HIS A 120 -5.81 -9.76 4.45
CA HIS A 120 -5.90 -10.85 3.48
C HIS A 120 -4.52 -11.21 2.94
N LEU A 121 -3.68 -10.21 2.71
CA LEU A 121 -2.31 -10.48 2.26
C LEU A 121 -1.53 -11.23 3.34
N HIS A 122 -1.65 -10.80 4.59
CA HIS A 122 -0.82 -11.35 5.66
C HIS A 122 -1.28 -12.72 6.12
N ILE A 123 -2.56 -13.02 6.03
CA ILE A 123 -3.11 -14.27 6.57
C ILE A 123 -2.96 -15.36 5.51
N GLU A 124 -2.40 -16.49 5.93
CA GLU A 124 -2.23 -17.64 5.05
C GLU A 124 -3.53 -18.44 4.99
N ILE A 125 -4.00 -18.74 3.78
CA ILE A 125 -5.12 -19.63 3.58
C ILE A 125 -4.57 -21.05 3.39
N PHE A 126 -5.15 -22.01 4.10
CA PHE A 126 -4.61 -23.35 4.14
C PHE A 126 -5.31 -24.24 3.10
N GLY A 127 -5.02 -25.53 3.14
CA GLY A 127 -5.45 -26.44 2.10
C GLY A 127 -4.50 -26.42 0.92
N THR A 128 -4.70 -27.36 0.01
CA THR A 128 -3.85 -27.42 -1.18
C THR A 128 -4.12 -26.21 -2.07
N GLN A 129 -3.05 -25.66 -2.63
CA GLN A 129 -3.10 -24.43 -3.45
C GLN A 129 -3.72 -23.27 -2.68
N GLY A 130 -3.56 -23.27 -1.35
CA GLY A 130 -4.01 -22.16 -0.55
C GLY A 130 -3.04 -21.00 -0.59
N LYS A 131 -3.58 -19.79 -0.49
CA LYS A 131 -2.75 -18.59 -0.60
C LYS A 131 -1.77 -18.53 0.57
N PRO A 132 -0.47 -18.37 0.31
CA PRO A 132 0.48 -18.17 1.40
C PRO A 132 0.36 -16.77 1.98
N ALA A 133 1.07 -16.57 3.09
CA ALA A 133 1.13 -15.24 3.69
C ALA A 133 1.98 -14.33 2.83
N ILE A 134 1.48 -13.12 2.57
CA ILE A 134 2.13 -12.19 1.64
C ILE A 134 2.35 -10.86 2.35
N ALA A 135 3.53 -10.29 2.17
CA ALA A 135 3.85 -8.95 2.65
C ALA A 135 4.04 -8.02 1.46
N HIS A 136 3.48 -6.81 1.56
CA HIS A 136 3.47 -5.88 0.44
C HIS A 136 4.83 -5.20 0.27
N ARG A 137 5.33 -4.59 1.34
CA ARG A 137 6.65 -3.96 1.44
C ARG A 137 6.77 -2.63 0.70
N ASP A 138 5.65 -2.07 0.21
CA ASP A 138 5.68 -0.74 -0.38
C ASP A 138 4.31 -0.07 -0.21
N LEU A 139 3.70 -0.28 0.95
CA LEU A 139 2.37 0.26 1.20
C LEU A 139 2.45 1.78 1.39
N LYS A 140 1.60 2.50 0.67
CA LYS A 140 1.55 3.96 0.72
C LYS A 140 0.27 4.41 0.03
N SER A 141 -0.06 5.70 0.23
CA SER A 141 -1.32 6.22 -0.29
C SER A 141 -1.36 6.19 -1.81
N LYS A 142 -0.21 6.36 -2.48
CA LYS A 142 -0.19 6.29 -3.93
C LYS A 142 -0.37 4.87 -4.44
N ASN A 143 -0.11 3.87 -3.61
CA ASN A 143 -0.35 2.47 -3.95
C ASN A 143 -1.71 1.99 -3.46
N ILE A 144 -2.62 2.90 -3.15
CA ILE A 144 -3.97 2.58 -2.73
C ILE A 144 -4.92 3.35 -3.64
N LEU A 145 -5.92 2.66 -4.18
CA LEU A 145 -6.87 3.27 -5.11
C LEU A 145 -8.26 3.28 -4.50
N VAL A 146 -9.00 4.35 -4.77
CA VAL A 146 -10.34 4.55 -4.21
C VAL A 146 -11.36 4.10 -5.24
N LYS A 147 -12.26 3.21 -4.82
CA LYS A 147 -13.35 2.77 -5.67
C LYS A 147 -14.57 3.66 -5.46
N LYS A 148 -15.53 3.56 -6.38
CA LYS A 148 -16.70 4.42 -6.34
C LYS A 148 -17.64 4.08 -5.19
N ASN A 149 -17.55 2.88 -4.63
CA ASN A 149 -18.37 2.51 -3.48
C ASN A 149 -17.82 3.07 -2.17
N GLY A 150 -16.76 3.87 -2.21
CA GLY A 150 -16.14 4.39 -1.03
C GLY A 150 -15.02 3.54 -0.47
N GLN A 151 -14.91 2.28 -0.90
CA GLN A 151 -13.87 1.41 -0.43
C GLN A 151 -12.59 1.61 -1.24
N CYS A 152 -11.48 1.08 -0.70
CA CYS A 152 -10.17 1.19 -1.31
C CYS A 152 -9.66 -0.20 -1.68
N CYS A 153 -8.60 -0.22 -2.48
CA CYS A 153 -7.93 -1.46 -2.84
C CYS A 153 -6.43 -1.21 -2.96
N ILE A 154 -5.63 -2.16 -2.49
CA ILE A 154 -4.18 -2.04 -2.51
C ILE A 154 -3.66 -2.49 -3.88
N ALA A 155 -2.60 -1.83 -4.35
CA ALA A 155 -2.01 -2.13 -5.65
C ALA A 155 -0.51 -2.33 -5.50
N ASP A 156 0.14 -2.63 -6.61
CA ASP A 156 1.58 -2.85 -6.71
C ASP A 156 2.04 -4.02 -5.85
N LEU A 157 2.11 -5.21 -6.46
CA LEU A 157 2.64 -6.40 -5.81
C LEU A 157 4.06 -6.71 -6.26
N GLY A 158 4.79 -5.71 -6.77
CA GLY A 158 6.10 -5.95 -7.34
C GLY A 158 7.18 -6.29 -6.33
N LEU A 159 6.97 -5.93 -5.06
CA LEU A 159 7.94 -6.20 -4.01
C LEU A 159 7.43 -7.24 -3.02
N ALA A 160 6.44 -8.02 -3.41
CA ALA A 160 5.78 -8.94 -2.48
C ALA A 160 6.73 -10.04 -2.01
N VAL A 161 6.50 -10.52 -0.79
CA VAL A 161 7.26 -11.61 -0.20
C VAL A 161 6.28 -12.60 0.40
N MET A 162 6.51 -13.89 0.17
CA MET A 162 5.58 -14.92 0.59
C MET A 162 6.23 -15.90 1.54
N HIS A 163 5.39 -16.61 2.30
CA HIS A 163 5.83 -17.57 3.30
C HIS A 163 4.70 -18.56 3.56
N SER A 164 5.06 -19.81 3.81
CA SER A 164 4.12 -20.85 4.18
C SER A 164 4.56 -21.46 5.50
N GLN A 165 3.59 -21.65 6.42
CA GLN A 165 3.94 -22.08 7.77
C GLN A 165 4.37 -23.54 7.81
N SER A 166 3.75 -24.39 6.98
CA SER A 166 4.07 -25.81 7.01
C SER A 166 5.52 -26.06 6.61
N THR A 167 5.92 -25.56 5.44
CA THR A 167 7.30 -25.73 5.00
C THR A 167 8.27 -24.77 5.68
N ASN A 168 7.75 -23.73 6.35
CA ASN A 168 8.56 -22.68 6.97
C ASN A 168 9.53 -22.06 5.96
N GLN A 169 9.13 -22.01 4.70
CA GLN A 169 9.97 -21.48 3.63
C GLN A 169 9.57 -20.05 3.31
N LEU A 170 10.56 -19.21 3.02
CA LEU A 170 10.36 -17.80 2.74
C LEU A 170 10.77 -17.51 1.31
N ASP A 171 9.92 -16.78 0.59
CA ASP A 171 10.19 -16.39 -0.80
C ASP A 171 10.34 -14.87 -0.84
N VAL A 172 11.59 -14.40 -0.85
CA VAL A 172 11.87 -12.98 -0.97
C VAL A 172 11.97 -12.50 -2.41
N GLY A 173 11.96 -13.41 -3.38
CA GLY A 173 12.08 -13.01 -4.76
C GLY A 173 13.50 -12.59 -5.12
N ASN A 174 13.58 -11.73 -6.14
CA ASN A 174 14.87 -11.25 -6.65
C ASN A 174 14.61 -9.91 -7.35
N ASN A 175 14.41 -8.87 -6.55
CA ASN A 175 14.10 -7.55 -7.06
C ASN A 175 15.09 -6.54 -6.53
N PRO A 176 15.80 -5.80 -7.39
CA PRO A 176 16.67 -4.72 -6.89
C PRO A 176 15.88 -3.49 -6.44
N ARG A 177 14.57 -3.47 -6.65
CA ARG A 177 13.76 -2.32 -6.27
C ARG A 177 13.74 -2.16 -4.75
N VAL A 178 13.89 -0.91 -4.29
CA VAL A 178 13.79 -0.58 -2.89
C VAL A 178 12.45 0.11 -2.65
N GLY A 179 11.94 -0.05 -1.43
CA GLY A 179 10.67 0.55 -1.08
C GLY A 179 10.74 2.06 -1.02
N THR A 180 9.57 2.69 -0.91
CA THR A 180 9.50 4.13 -0.78
C THR A 180 10.14 4.57 0.53
N LYS A 181 11.11 5.49 0.43
CA LYS A 181 11.89 5.88 1.60
C LYS A 181 11.04 6.61 2.63
N ARG A 182 10.07 7.41 2.17
CA ARG A 182 9.22 8.15 3.10
C ARG A 182 8.45 7.23 4.03
N TYR A 183 8.11 6.03 3.56
CA TYR A 183 7.31 5.07 4.32
C TYR A 183 8.16 3.96 4.93
N MET A 184 9.48 4.14 5.01
CA MET A 184 10.36 3.08 5.47
C MET A 184 10.35 2.98 6.99
N ALA A 185 10.28 1.74 7.48
CA ALA A 185 10.27 1.50 8.91
C ALA A 185 11.65 1.76 9.50
N PRO A 186 11.73 2.06 10.80
CA PRO A 186 13.05 2.32 11.40
C PRO A 186 14.02 1.16 11.29
N GLU A 187 13.55 -0.08 11.40
CA GLU A 187 14.43 -1.23 11.25
C GLU A 187 15.00 -1.34 9.85
N VAL A 188 14.33 -0.78 8.85
CA VAL A 188 14.88 -0.74 7.50
C VAL A 188 15.93 0.34 7.38
N LEU A 189 15.70 1.50 7.99
CA LEU A 189 16.64 2.61 7.88
C LEU A 189 17.93 2.34 8.65
N ASP A 190 17.80 1.71 9.83
N ASP A 190 17.81 1.71 9.82
CA ASP A 190 18.95 1.33 10.64
CA ASP A 190 19.02 1.38 10.58
C ASP A 190 19.62 0.05 10.17
C ASP A 190 19.62 0.04 10.18
N GLU A 191 19.02 -0.66 9.21
CA GLU A 191 19.56 -1.91 8.67
C GLU A 191 19.71 -2.97 9.76
N THR A 192 18.73 -3.05 10.66
CA THR A 192 18.68 -4.10 11.67
C THR A 192 17.61 -5.14 11.37
N ILE A 193 16.76 -4.90 10.37
CA ILE A 193 15.65 -5.81 10.08
C ILE A 193 16.19 -7.18 9.68
N GLN A 194 15.68 -8.22 10.35
CA GLN A 194 16.06 -9.59 10.03
C GLN A 194 15.39 -10.01 8.73
N VAL A 195 16.17 -10.05 7.65
CA VAL A 195 15.63 -10.36 6.33
C VAL A 195 15.23 -11.82 6.18
N ASP A 196 15.63 -12.68 7.10
CA ASP A 196 15.31 -14.11 7.02
C ASP A 196 14.01 -14.47 7.72
N CYS A 197 13.38 -13.52 8.42
CA CYS A 197 12.15 -13.76 9.16
C CYS A 197 11.00 -13.08 8.44
N PHE A 198 9.95 -13.84 8.12
CA PHE A 198 8.81 -13.28 7.40
C PHE A 198 8.07 -12.25 8.25
N ASP A 199 8.04 -12.44 9.58
CA ASP A 199 7.36 -11.48 10.44
C ASP A 199 7.93 -10.08 10.29
N SER A 200 9.21 -9.97 9.97
CA SER A 200 9.83 -8.66 9.78
C SER A 200 9.15 -7.89 8.65
N TYR A 201 8.80 -8.58 7.57
CA TYR A 201 8.19 -7.90 6.44
C TYR A 201 6.74 -7.51 6.72
N LYS A 202 6.05 -8.28 7.55
CA LYS A 202 4.69 -7.88 7.94
C LYS A 202 4.72 -6.63 8.82
N ARG A 203 5.74 -6.51 9.67
CA ARG A 203 5.80 -5.39 10.60
C ARG A 203 6.16 -4.08 9.91
N VAL A 204 6.89 -4.14 8.79
CA VAL A 204 7.12 -2.92 8.03
C VAL A 204 5.88 -2.49 7.26
N ASP A 205 4.96 -3.42 6.97
CA ASP A 205 3.68 -3.04 6.38
C ASP A 205 2.81 -2.35 7.41
N ILE A 206 2.77 -2.87 8.64
CA ILE A 206 1.96 -2.25 9.69
C ILE A 206 2.47 -0.85 9.99
N TRP A 207 3.79 -0.68 9.99
CA TRP A 207 4.36 0.66 10.16
C TRP A 207 3.87 1.61 9.07
N ALA A 208 4.02 1.19 7.80
CA ALA A 208 3.56 2.03 6.69
C ALA A 208 2.05 2.19 6.72
N PHE A 209 1.32 1.18 7.19
CA PHE A 209 -0.14 1.30 7.27
C PHE A 209 -0.53 2.41 8.24
N GLY A 210 0.17 2.53 9.37
CA GLY A 210 -0.12 3.60 10.32
C GLY A 210 0.10 4.98 9.74
N LEU A 211 1.00 5.08 8.75
CA LEU A 211 1.24 6.37 8.10
C LEU A 211 0.10 6.74 7.16
N VAL A 212 -0.40 5.78 6.39
CA VAL A 212 -1.58 6.04 5.56
C VAL A 212 -2.78 6.33 6.45
N LEU A 213 -2.91 5.61 7.57
CA LEU A 213 -3.93 5.89 8.56
C LEU A 213 -3.87 7.35 9.00
N TRP A 214 -2.67 7.86 9.23
CA TRP A 214 -2.51 9.26 9.61
C TRP A 214 -2.97 10.19 8.50
N GLU A 215 -2.66 9.84 7.24
CA GLU A 215 -3.06 10.68 6.11
C GLU A 215 -4.57 10.77 5.98
N VAL A 216 -5.26 9.65 6.20
CA VAL A 216 -6.72 9.62 6.03
C VAL A 216 -7.41 10.31 7.20
N ALA A 217 -6.92 10.08 8.42
CA ALA A 217 -7.57 10.67 9.60
C ALA A 217 -7.56 12.18 9.56
N ARG A 218 -6.51 12.78 8.99
CA ARG A 218 -6.44 14.24 8.91
C ARG A 218 -7.56 14.82 8.06
N ARG A 219 -8.07 14.05 7.11
CA ARG A 219 -9.11 14.52 6.21
C ARG A 219 -10.52 14.29 6.74
N MET A 220 -10.66 13.67 7.91
CA MET A 220 -11.97 13.49 8.53
C MET A 220 -12.36 14.76 9.27
N VAL A 221 -13.53 15.29 8.95
CA VAL A 221 -14.01 16.52 9.59
C VAL A 221 -14.62 16.16 10.94
N SER A 222 -14.15 16.84 11.98
CA SER A 222 -14.70 16.69 13.33
C SER A 222 -14.94 18.07 13.90
N ASN A 223 -16.20 18.38 14.22
CA ASN A 223 -16.58 19.66 14.80
C ASN A 223 -16.12 20.82 13.91
N GLY A 224 -16.36 20.69 12.60
CA GLY A 224 -16.04 21.73 11.65
C GLY A 224 -14.55 21.98 11.49
N ILE A 225 -13.74 21.05 11.98
CA ILE A 225 -12.28 21.15 11.89
C ILE A 225 -11.78 20.01 11.02
N VAL A 226 -10.80 20.31 10.16
CA VAL A 226 -10.17 19.31 9.30
C VAL A 226 -8.76 19.75 9.01
N GLU A 227 -7.87 18.79 8.85
CA GLU A 227 -6.47 19.08 8.51
C GLU A 227 -6.29 19.00 6.99
N ASP A 228 -5.39 19.84 6.48
CA ASP A 228 -5.00 19.74 5.09
C ASP A 228 -4.25 18.45 4.85
N TYR A 229 -4.31 17.95 3.61
CA TYR A 229 -3.57 16.74 3.29
C TYR A 229 -2.08 17.01 3.31
N LYS A 230 -1.33 16.08 3.92
CA LYS A 230 0.12 16.14 3.96
C LYS A 230 0.66 14.72 3.91
N PRO A 231 1.73 14.49 3.17
CA PRO A 231 2.42 13.19 3.23
C PRO A 231 3.09 13.03 4.58
N PRO A 232 3.36 11.79 5.01
CA PRO A 232 4.01 11.58 6.31
C PRO A 232 5.38 12.26 6.35
N PHE A 233 5.65 12.92 7.48
CA PHE A 233 6.92 13.60 7.72
C PHE A 233 7.14 14.76 6.74
N TYR A 234 6.04 15.39 6.32
CA TYR A 234 6.13 16.52 5.38
C TYR A 234 6.94 17.67 5.96
N ASP A 235 6.93 17.83 7.28
CA ASP A 235 7.50 19.02 7.93
C ASP A 235 8.92 18.80 8.43
N VAL A 236 9.55 17.68 8.08
CA VAL A 236 10.89 17.39 8.59
C VAL A 236 11.79 16.90 7.47
N VAL A 237 11.20 16.35 6.41
CA VAL A 237 11.99 15.85 5.29
C VAL A 237 11.59 16.61 4.03
N PRO A 238 12.46 16.75 3.04
CA PRO A 238 12.09 17.42 1.79
C PRO A 238 11.44 16.47 0.80
N ASN A 239 11.13 16.96 -0.40
CA ASN A 239 10.62 16.11 -1.46
C ASN A 239 11.70 15.11 -1.89
N ASP A 240 11.28 13.88 -2.16
CA ASP A 240 12.19 12.77 -2.46
C ASP A 240 13.27 12.68 -1.40
N PRO A 241 12.92 12.34 -0.16
CA PRO A 241 13.93 12.32 0.90
C PRO A 241 14.94 11.20 0.71
N SER A 242 16.17 11.46 1.15
CA SER A 242 17.22 10.47 1.07
C SER A 242 17.13 9.49 2.23
N PHE A 243 17.98 8.47 2.20
CA PHE A 243 18.03 7.52 3.30
C PHE A 243 18.40 8.19 4.60
N GLU A 244 19.38 9.10 4.56
CA GLU A 244 19.81 9.79 5.78
C GLU A 244 18.74 10.76 6.28
N ASP A 245 17.89 11.28 5.38
CA ASP A 245 16.83 12.18 5.80
C ASP A 245 15.82 11.47 6.69
N MET A 246 15.39 10.27 6.28
CA MET A 246 14.41 9.53 7.07
C MET A 246 15.04 8.93 8.33
N ARG A 247 16.29 8.48 8.23
CA ARG A 247 16.97 7.90 9.38
C ARG A 247 17.14 8.93 10.49
N LYS A 248 17.42 10.18 10.12
CA LYS A 248 17.56 11.23 11.12
C LYS A 248 16.24 11.50 11.83
N VAL A 249 15.12 11.40 11.11
CA VAL A 249 13.82 11.69 11.70
C VAL A 249 13.27 10.48 12.43
N VAL A 250 13.22 9.34 11.76
CA VAL A 250 12.55 8.17 12.33
C VAL A 250 13.43 7.48 13.36
N CYS A 251 14.73 7.36 13.10
CA CYS A 251 15.61 6.60 13.98
C CYS A 251 16.31 7.50 15.00
N VAL A 252 17.05 8.50 14.52
CA VAL A 252 17.85 9.34 15.42
C VAL A 252 16.96 10.12 16.37
N ASP A 253 16.10 10.99 15.82
CA ASP A 253 15.23 11.80 16.65
C ASP A 253 14.01 11.05 17.17
N GLN A 254 13.79 9.82 16.69
CA GLN A 254 12.64 9.00 17.12
C GLN A 254 11.33 9.74 16.94
N GLN A 255 11.19 10.42 15.81
CA GLN A 255 10.01 11.23 15.53
C GLN A 255 8.92 10.41 14.88
N ARG A 256 7.68 10.79 15.16
CA ARG A 256 6.48 10.21 14.58
C ARG A 256 5.56 11.34 14.15
N PRO A 257 4.60 11.06 13.27
CA PRO A 257 3.63 12.11 12.90
C PRO A 257 2.86 12.61 14.12
N ASN A 258 2.59 13.91 14.13
CA ASN A 258 1.91 14.54 15.25
C ASN A 258 0.42 14.24 15.24
N ILE A 259 -0.12 13.94 16.41
CA ILE A 259 -1.55 13.73 16.58
C ILE A 259 -2.19 15.09 16.86
N PRO A 260 -3.05 15.60 15.97
CA PRO A 260 -3.72 16.88 16.25
C PRO A 260 -4.57 16.79 17.50
N ASN A 261 -4.56 17.88 18.28
CA ASN A 261 -5.31 17.90 19.53
C ASN A 261 -6.81 17.76 19.31
N ARG A 262 -7.31 18.28 18.18
CA ARG A 262 -8.74 18.19 17.90
C ARG A 262 -9.22 16.75 17.77
N TRP A 263 -8.31 15.82 17.44
CA TRP A 263 -8.71 14.41 17.31
C TRP A 263 -9.23 13.85 18.62
N PHE A 264 -8.74 14.36 19.75
CA PHE A 264 -9.23 13.90 21.04
C PHE A 264 -10.66 14.32 21.33
N SER A 265 -11.20 15.26 20.56
CA SER A 265 -12.59 15.69 20.71
C SER A 265 -13.57 14.86 19.87
N ASP A 266 -13.08 13.87 19.14
CA ASP A 266 -13.93 13.00 18.33
C ASP A 266 -13.62 11.56 18.71
N PRO A 267 -14.62 10.78 19.13
CA PRO A 267 -14.33 9.40 19.58
C PRO A 267 -13.75 8.51 18.50
N THR A 268 -14.13 8.70 17.24
CA THR A 268 -13.58 7.88 16.17
C THR A 268 -12.10 8.20 15.92
N LEU A 269 -11.73 9.48 16.00
CA LEU A 269 -10.35 9.85 15.77
C LEU A 269 -9.45 9.46 16.94
N THR A 270 -10.00 9.43 18.16
N THR A 270 -10.00 9.46 18.16
CA THR A 270 -9.23 8.97 19.31
CA THR A 270 -9.20 9.09 19.32
C THR A 270 -8.80 7.52 19.13
C THR A 270 -8.79 7.62 19.25
N SER A 271 -9.77 6.64 18.83
N SER A 271 -9.70 6.74 18.85
CA SER A 271 -9.44 5.24 18.59
CA SER A 271 -9.35 5.34 18.66
C SER A 271 -8.53 5.07 17.39
C SER A 271 -8.45 5.15 17.45
N LEU A 272 -8.61 5.98 16.42
CA LEU A 272 -7.72 5.92 15.26
C LEU A 272 -6.31 6.38 15.63
N ALA A 273 -6.21 7.45 16.42
CA ALA A 273 -4.90 7.94 16.84
C ALA A 273 -4.19 6.90 17.70
N LYS A 274 -4.92 6.22 18.58
CA LYS A 274 -4.32 5.13 19.35
C LYS A 274 -3.90 3.99 18.44
N LEU A 275 -4.62 3.78 17.33
CA LEU A 275 -4.29 2.68 16.43
C LEU A 275 -2.95 2.91 15.73
N MET A 276 -2.76 4.10 15.15
CA MET A 276 -1.50 4.38 14.45
C MET A 276 -0.32 4.40 15.40
N LYS A 277 -0.52 4.89 16.63
CA LYS A 277 0.55 4.85 17.62
C LYS A 277 1.00 3.42 17.90
N GLU A 278 0.05 2.47 17.86
N GLU A 278 0.05 2.47 17.89
CA GLU A 278 0.38 1.06 18.03
CA GLU A 278 0.39 1.06 18.04
C GLU A 278 0.96 0.44 16.76
C GLU A 278 1.13 0.51 16.83
N CYS A 279 1.14 1.23 15.71
CA CYS A 279 1.82 0.79 14.49
C CYS A 279 3.21 1.41 14.35
N TRP A 280 3.59 2.32 15.24
CA TRP A 280 4.80 3.12 15.08
C TRP A 280 5.88 2.78 16.11
N TYR A 281 5.74 1.67 16.82
CA TYR A 281 6.75 1.28 17.80
C TYR A 281 8.09 1.05 17.12
N GLN A 282 9.16 1.59 17.71
CA GLN A 282 10.49 1.28 17.22
C GLN A 282 10.79 -0.20 17.32
N ASN A 283 10.25 -0.86 18.34
CA ASN A 283 10.30 -2.31 18.48
C ASN A 283 9.29 -2.92 17.52
N PRO A 284 9.74 -3.61 16.46
CA PRO A 284 8.79 -4.14 15.48
C PRO A 284 7.84 -5.18 16.04
N SER A 285 8.28 -5.97 17.01
CA SER A 285 7.44 -7.02 17.59
C SER A 285 6.32 -6.46 18.45
N ALA A 286 6.39 -5.19 18.83
CA ALA A 286 5.34 -4.58 19.65
C ALA A 286 4.20 -4.00 18.81
N ARG A 287 4.37 -3.90 17.50
CA ARG A 287 3.32 -3.36 16.66
C ARG A 287 2.16 -4.35 16.54
N LEU A 288 0.98 -3.81 16.23
CA LEU A 288 -0.20 -4.64 16.10
C LEU A 288 -0.15 -5.45 14.81
N THR A 289 -0.93 -6.53 14.78
CA THR A 289 -1.08 -7.32 13.57
C THR A 289 -2.18 -6.73 12.70
N ALA A 290 -2.16 -7.11 11.42
CA ALA A 290 -3.19 -6.64 10.50
C ALA A 290 -4.57 -7.13 10.90
N LEU A 291 -4.65 -8.33 11.47
CA LEU A 291 -5.94 -8.84 11.93
C LEU A 291 -6.45 -8.05 13.12
N ARG A 292 -5.56 -7.69 14.05
CA ARG A 292 -5.99 -6.90 15.21
C ARG A 292 -6.46 -5.52 14.79
N ILE A 293 -5.80 -4.93 13.79
CA ILE A 293 -6.23 -3.63 13.29
C ILE A 293 -7.61 -3.74 12.64
N LYS A 294 -7.83 -4.80 11.85
CA LYS A 294 -9.13 -5.00 11.23
C LYS A 294 -10.21 -5.22 12.27
N LYS A 295 -9.90 -5.96 13.34
CA LYS A 295 -10.87 -6.19 14.40
C LYS A 295 -11.17 -4.89 15.14
N THR A 296 -10.13 -4.14 15.52
CA THR A 296 -10.33 -2.88 16.23
C THR A 296 -11.12 -1.89 15.40
N LEU A 297 -10.84 -1.83 14.09
CA LEU A 297 -11.58 -0.93 13.21
C LEU A 297 -13.02 -1.37 13.04
N THR A 298 -13.28 -2.68 13.12
CA THR A 298 -14.65 -3.17 12.93
C THR A 298 -15.53 -2.83 14.13
N LYS A 299 -14.97 -2.90 15.34
CA LYS A 299 -15.75 -2.60 16.54
C LYS A 299 -16.06 -1.12 16.70
N ILE A 300 -15.35 -0.25 15.98
CA ILE A 300 -15.57 1.19 16.11
C ILE A 300 -16.91 1.58 15.51
N NH4 B . -0.91 9.79 -8.55
C10 TZX C . -2.32 1.60 -10.19
C04 TZX C . -0.95 -0.24 -11.03
C06 TZX C . -0.04 -2.20 -9.96
C07 TZX C . -1.23 0.70 -10.02
C09 TZX C . -0.24 2.07 -8.30
C11 TZX C . -3.16 1.62 -11.32
C12 TZX C . -4.32 2.60 -11.51
C01 TZX C . -2.49 -1.33 -14.18
C03 TZX C . -1.75 -0.26 -12.14
C13 TZX C . -5.64 2.11 -11.63
C15 TZX C . -6.62 4.23 -11.85
C16 TZX C . -5.35 4.88 -11.75
C17 TZX C . -4.24 4.05 -11.57
C18 TZX C . -2.88 4.70 -11.47
C19 TZX C . -2.66 5.95 -10.55
C21 TZX C . -4.67 7.25 -11.06
C22 TZX C . -5.42 6.40 -11.82
C23 TZX C . -6.27 7.05 -12.74
C24 TZX C . -6.37 8.46 -12.88
C25 TZX C . -5.62 9.35 -12.09
C27 TZX C . -5.51 11.76 -11.05
C28 TZX C . -4.12 12.48 -10.99
C30 TZX C . -4.72 12.99 -13.26
C31 TZX C . -5.33 11.59 -13.48
C32 TZX C . -4.75 8.70 -11.16
C33 TZX C . -2.83 0.64 -12.32
N14 TZX C . -6.75 2.87 -11.79
N26 TZX C . -5.74 10.83 -12.24
N29 TZX C . -3.63 12.98 -12.27
O02 TZX C . -1.51 -1.19 -13.17
O05 TZX C . 0.13 -1.15 -10.86
O08 TZX C . -0.47 0.79 -8.85
O20 TZX C . -3.79 6.74 -10.10
S SO4 D . 8.34 11.56 -2.11
O1 SO4 D . 8.59 12.96 -1.74
O2 SO4 D . 8.39 10.73 -0.91
O3 SO4 D . 9.37 11.11 -3.04
O4 SO4 D . 7.03 11.44 -2.73
S SO4 E . -14.93 1.39 -9.38
O1 SO4 E . -13.99 2.39 -8.87
O2 SO4 E . -16.26 1.62 -8.80
O3 SO4 E . -15.03 1.52 -10.84
O4 SO4 E . -14.47 0.06 -9.03
S SO4 F . 3.11 -9.08 -30.15
O1 SO4 F . 4.14 -8.04 -30.19
O2 SO4 F . 1.94 -8.58 -29.43
O3 SO4 F . 2.72 -9.44 -31.51
O4 SO4 F . 3.64 -10.26 -29.48
S SO4 G . -3.55 -10.23 18.47
O1 SO4 G . -3.92 -9.43 19.63
O2 SO4 G . -4.70 -11.05 18.06
O3 SO4 G . -3.19 -9.34 17.37
O4 SO4 G . -2.42 -11.09 18.80
S SO4 H . -14.82 13.72 -5.43
O1 SO4 H . -15.45 15.04 -5.38
O2 SO4 H . -15.43 12.86 -4.41
O3 SO4 H . -15.03 13.14 -6.75
O4 SO4 H . -13.40 13.84 -5.17
C1 EDO I . -7.60 -15.21 -3.46
O1 EDO I . -6.51 -14.59 -2.77
C2 EDO I . -7.60 -16.70 -3.20
O2 EDO I . -8.00 -16.97 -1.86
C1 EDO J . -18.74 -0.68 3.28
O1 EDO J . -19.53 -1.05 2.15
C2 EDO J . -19.62 -0.01 4.32
O2 EDO J . -20.75 -0.85 4.60
C1 EDO K . 11.69 -3.80 3.63
O1 EDO K . 10.75 -4.42 2.74
C2 EDO K . 13.11 -4.00 3.10
O2 EDO K . 13.39 -5.40 3.02
C1 EDO L . 19.48 8.60 -2.45
O1 EDO L . 19.69 9.96 -2.03
C2 EDO L . 20.28 7.67 -1.55
O2 EDO L . 19.97 7.97 -0.18
C1 EDO M . -2.53 -12.02 11.04
O1 EDO M . -2.89 -10.72 10.58
C2 EDO M . -1.05 -12.26 10.79
O2 EDO M . -0.29 -11.24 11.46
C1 EDO N . 4.05 3.38 -25.69
O1 EDO N . 3.72 2.15 -25.04
C2 EDO N . 3.58 4.55 -24.83
O2 EDO N . 4.22 4.47 -23.54
C1 EDO O . -10.46 -3.66 -7.24
O1 EDO O . -10.50 -3.86 -8.65
C2 EDO O . -11.53 -4.52 -6.57
O2 EDO O . -11.27 -5.90 -6.86
C1 EDO P . -17.08 11.41 0.50
O1 EDO P . -18.07 10.77 -0.31
C2 EDO P . -17.75 12.14 1.66
O2 EDO P . -16.76 12.73 2.51
C1 EDO Q . -11.21 -10.36 20.06
O1 EDO Q . -11.94 -9.41 20.84
C2 EDO Q . -11.90 -10.54 18.71
O2 EDO Q . -11.92 -9.29 18.01
C1 EDO R . 12.21 3.29 -20.03
O1 EDO R . 12.17 1.88 -20.32
C2 EDO R . 12.92 3.50 -18.70
O2 EDO R . 14.24 2.95 -18.77
C1 EDO S . 6.61 18.70 1.66
O1 EDO S . 5.26 18.37 1.99
C2 EDO S . 7.34 17.45 1.17
O2 EDO S . 7.80 16.67 2.28
#